data_7RVK
# 
_entry.id   7RVK 
# 
_audit_conform.dict_name       mmcif_pdbx.dic 
_audit_conform.dict_version    5.392 
_audit_conform.dict_location   http://mmcif.pdb.org/dictionaries/ascii/mmcif_pdbx.dic 
# 
loop_
_database_2.database_id 
_database_2.database_code 
_database_2.pdbx_database_accession 
_database_2.pdbx_DOI 
PDB   7RVK         pdb_00007rvk 10.2210/pdb7rvk/pdb 
WWPDB D_1000259073 ?            ?                   
# 
loop_
_pdbx_audit_revision_history.ordinal 
_pdbx_audit_revision_history.data_content_type 
_pdbx_audit_revision_history.major_revision 
_pdbx_audit_revision_history.minor_revision 
_pdbx_audit_revision_history.revision_date 
1 'Structure model' 1 0 2022-08-24 
2 'Structure model' 1 1 2024-05-22 
# 
_pdbx_audit_revision_details.ordinal             1 
_pdbx_audit_revision_details.revision_ordinal    1 
_pdbx_audit_revision_details.data_content_type   'Structure model' 
_pdbx_audit_revision_details.provider            repository 
_pdbx_audit_revision_details.type                'Initial release' 
_pdbx_audit_revision_details.description         ? 
_pdbx_audit_revision_details.details             ? 
# 
_pdbx_audit_revision_group.ordinal             1 
_pdbx_audit_revision_group.revision_ordinal    2 
_pdbx_audit_revision_group.data_content_type   'Structure model' 
_pdbx_audit_revision_group.group               'Data collection' 
# 
loop_
_pdbx_audit_revision_category.ordinal 
_pdbx_audit_revision_category.revision_ordinal 
_pdbx_audit_revision_category.data_content_type 
_pdbx_audit_revision_category.category 
1 2 'Structure model' chem_comp_atom 
2 2 'Structure model' chem_comp_bond 
# 
_pdbx_database_status.status_code                     REL 
_pdbx_database_status.status_code_sf                  REL 
_pdbx_database_status.status_code_mr                  ? 
_pdbx_database_status.entry_id                        7RVK 
_pdbx_database_status.recvd_initial_deposition_date   2021-08-18 
_pdbx_database_status.SG_entry                        N 
_pdbx_database_status.deposit_site                    RCSB 
_pdbx_database_status.process_site                    RCSB 
_pdbx_database_status.status_code_cs                  ? 
_pdbx_database_status.status_code_nmr_data            ? 
_pdbx_database_status.methods_development_category    ? 
_pdbx_database_status.pdb_format_compatible           Y 
# 
loop_
_audit_author.name 
_audit_author.pdbx_ordinal 
_audit_author.identifier_ORCID 
'Glynn, C.'       1 ? 
'Rodriguez, J.A.' 2 ? 
'Hernandez, E.'   3 ? 
# 
_citation.abstract                  ? 
_citation.abstract_id_CAS           ? 
_citation.book_id_ISBN              ? 
_citation.book_publisher            ? 
_citation.book_publisher_city       ? 
_citation.book_title                ? 
_citation.coordinate_linkage        ? 
_citation.country                   ? 
_citation.database_id_Medline       ? 
_citation.details                   ? 
_citation.id                        primary 
_citation.journal_abbrev            'To be published' 
_citation.journal_id_ASTM           ? 
_citation.journal_id_CSD            0353 
_citation.journal_id_ISSN           ? 
_citation.journal_full              ? 
_citation.journal_issue             ? 
_citation.journal_volume            ? 
_citation.language                  ? 
_citation.page_first                ? 
_citation.page_last                 ? 
_citation.title                     
'Structural and Biophysical Consequences of Sequence Variation in the B2a2 Loop of Mammalian Prions' 
_citation.year                      ? 
_citation.database_id_CSD           ? 
_citation.pdbx_database_id_DOI      ? 
_citation.pdbx_database_id_PubMed   ? 
_citation.pdbx_database_id_patent   ? 
_citation.unpublished_flag          ? 
# 
loop_
_citation_author.citation_id 
_citation_author.name 
_citation_author.ordinal 
_citation_author.identifier_ORCID 
primary 'Glynn, C.'           1 ? 
primary 'Hernandez, E.'       2 ? 
primary 'Gallagher-Jones, M.' 3 ? 
primary 'Miao, J.'            4 ? 
primary 'Rodriguez, J.A.'     5 ? 
# 
loop_
_entity.id 
_entity.type 
_entity.src_method 
_entity.pdbx_description 
_entity.formula_weight 
_entity.pdbx_number_of_molecules 
_entity.pdbx_ec 
_entity.pdbx_mutation 
_entity.pdbx_fragment 
_entity.details 
1 polymer     syn 'Major prion protein' 779.756 1 ? Y169G 'UNP residues 169-175' ? 
2 non-polymer syn 'ACETATE ION'         59.044  1 ? ?     ?                      ? 
3 non-polymer syn 'ZINC ION'            65.409  1 ? ?     ?                      ? 
4 water       nat water                 18.015  6 ? ?     ?                      ? 
# 
_entity_name_com.entity_id   1 
_entity_name_com.name        PrP,ASCR,PrP27-30,PrP33-35C 
# 
_entity_poly.entity_id                      1 
_entity_poly.type                           'polypeptide(L)' 
_entity_poly.nstd_linkage                   no 
_entity_poly.nstd_monomer                   no 
_entity_poly.pdbx_seq_one_letter_code       GSNQNNF 
_entity_poly.pdbx_seq_one_letter_code_can   GSNQNNF 
_entity_poly.pdbx_strand_id                 A 
_entity_poly.pdbx_target_identifier         ? 
# 
loop_
_pdbx_entity_nonpoly.entity_id 
_pdbx_entity_nonpoly.name 
_pdbx_entity_nonpoly.comp_id 
2 'ACETATE ION' ACT 
3 'ZINC ION'    ZN  
4 water         HOH 
# 
loop_
_entity_poly_seq.entity_id 
_entity_poly_seq.num 
_entity_poly_seq.mon_id 
_entity_poly_seq.hetero 
1 1 GLY n 
1 2 SER n 
1 3 ASN n 
1 4 GLN n 
1 5 ASN n 
1 6 ASN n 
1 7 PHE n 
# 
_pdbx_entity_src_syn.entity_id              1 
_pdbx_entity_src_syn.pdbx_src_id            1 
_pdbx_entity_src_syn.pdbx_alt_source_flag   sample 
_pdbx_entity_src_syn.pdbx_beg_seq_num       1 
_pdbx_entity_src_syn.pdbx_end_seq_num       7 
_pdbx_entity_src_syn.organism_scientific    'Homo sapiens' 
_pdbx_entity_src_syn.organism_common_name   Human 
_pdbx_entity_src_syn.ncbi_taxonomy_id       9606 
_pdbx_entity_src_syn.details                ? 
# 
loop_
_chem_comp.id 
_chem_comp.type 
_chem_comp.mon_nstd_flag 
_chem_comp.name 
_chem_comp.pdbx_synonyms 
_chem_comp.formula 
_chem_comp.formula_weight 
ACT non-polymer         . 'ACETATE ION' ? 'C2 H3 O2 -1'  59.044  
ASN 'L-peptide linking' y ASPARAGINE    ? 'C4 H8 N2 O3'  132.118 
GLN 'L-peptide linking' y GLUTAMINE     ? 'C5 H10 N2 O3' 146.144 
GLY 'peptide linking'   y GLYCINE       ? 'C2 H5 N O2'   75.067  
HOH non-polymer         . WATER         ? 'H2 O'         18.015  
PHE 'L-peptide linking' y PHENYLALANINE ? 'C9 H11 N O2'  165.189 
SER 'L-peptide linking' y SERINE        ? 'C3 H7 N O3'   105.093 
TYR 'L-peptide linking' y TYROSINE      ? 'C9 H11 N O3'  181.189 
ZN  non-polymer         . 'ZINC ION'    ? 'Zn 2'         65.409  
# 
loop_
_pdbx_poly_seq_scheme.asym_id 
_pdbx_poly_seq_scheme.entity_id 
_pdbx_poly_seq_scheme.seq_id 
_pdbx_poly_seq_scheme.mon_id 
_pdbx_poly_seq_scheme.ndb_seq_num 
_pdbx_poly_seq_scheme.pdb_seq_num 
_pdbx_poly_seq_scheme.auth_seq_num 
_pdbx_poly_seq_scheme.pdb_mon_id 
_pdbx_poly_seq_scheme.auth_mon_id 
_pdbx_poly_seq_scheme.pdb_strand_id 
_pdbx_poly_seq_scheme.pdb_ins_code 
_pdbx_poly_seq_scheme.hetero 
A 1 1 GLY 1 169 169 GLY GLY A . n 
A 1 2 SER 2 170 170 SER SER A . n 
A 1 3 ASN 3 171 171 ASN ASN A . n 
A 1 4 GLN 4 172 172 GLN GLN A . n 
A 1 5 ASN 5 173 173 ASN ASN A . n 
A 1 6 ASN 6 174 174 ASN ASN A . n 
A 1 7 PHE 7 175 175 PHE PHE A . n 
# 
loop_
_pdbx_nonpoly_scheme.asym_id 
_pdbx_nonpoly_scheme.entity_id 
_pdbx_nonpoly_scheme.mon_id 
_pdbx_nonpoly_scheme.ndb_seq_num 
_pdbx_nonpoly_scheme.pdb_seq_num 
_pdbx_nonpoly_scheme.auth_seq_num 
_pdbx_nonpoly_scheme.pdb_mon_id 
_pdbx_nonpoly_scheme.auth_mon_id 
_pdbx_nonpoly_scheme.pdb_strand_id 
_pdbx_nonpoly_scheme.pdb_ins_code 
B 2 ACT 1 201 1 ACT ACT A . 
C 3 ZN  1 202 1 ZN  ZN  A . 
D 4 HOH 1 301 2 HOH HOH A . 
D 4 HOH 2 302 1 HOH HOH A . 
D 4 HOH 3 303 4 HOH HOH A . 
D 4 HOH 4 304 3 HOH HOH A . 
D 4 HOH 5 305 5 HOH HOH A . 
D 4 HOH 6 306 6 HOH HOH A . 
# 
loop_
_software.citation_id 
_software.classification 
_software.compiler_name 
_software.compiler_version 
_software.contact_author 
_software.contact_author_email 
_software.date 
_software.description 
_software.dependencies 
_software.hardware 
_software.language 
_software.location 
_software.mods 
_software.name 
_software.os 
_software.os_version 
_software.type 
_software.version 
_software.pdbx_ordinal 
? 'data scaling'    ? ? ? ? ? ? ? ? ? ? ? XSCALE      ? ? ? .      1 
? refinement        ? ? ? ? ? ? ? ? ? ? ? BUSTER      ? ? ? 2.10.0 2 
? 'data extraction' ? ? ? ? ? ? ? ? ? ? ? PDB_EXTRACT ? ? ? 3.27   3 
? 'data reduction'  ? ? ? ? ? ? ? ? ? ? ? XDS         ? ? ? .      4 
? phasing           ? ? ? ? ? ? ? ? ? ? ? SHELXD      ? ? ? .      5 
# 
_cell.angle_alpha                  90.000 
_cell.angle_alpha_esd              ? 
_cell.angle_beta                   93.710 
_cell.angle_beta_esd               ? 
_cell.angle_gamma                  101.210 
_cell.angle_gamma_esd              ? 
_cell.entry_id                     7RVK 
_cell.details                      ? 
_cell.formula_units_Z              ? 
_cell.length_a                     4.860 
_cell.length_a_esd                 ? 
_cell.length_b                     14.110 
_cell.length_b_esd                 ? 
_cell.length_c                     18.410 
_cell.length_c_esd                 ? 
_cell.volume                       ? 
_cell.volume_esd                   ? 
_cell.Z_PDB                        1 
_cell.reciprocal_angle_alpha       ? 
_cell.reciprocal_angle_beta        ? 
_cell.reciprocal_angle_gamma       ? 
_cell.reciprocal_angle_alpha_esd   ? 
_cell.reciprocal_angle_beta_esd    ? 
_cell.reciprocal_angle_gamma_esd   ? 
_cell.reciprocal_length_a          ? 
_cell.reciprocal_length_b          ? 
_cell.reciprocal_length_c          ? 
_cell.reciprocal_length_a_esd      ? 
_cell.reciprocal_length_b_esd      ? 
_cell.reciprocal_length_c_esd      ? 
_cell.pdbx_unique_axis             ? 
# 
_symmetry.entry_id                         7RVK 
_symmetry.cell_setting                     ? 
_symmetry.Int_Tables_number                1 
_symmetry.space_group_name_Hall            ? 
_symmetry.space_group_name_H-M             'P 1' 
_symmetry.pdbx_full_space_group_name_H-M   ? 
# 
_exptl.absorpt_coefficient_mu     ? 
_exptl.absorpt_correction_T_max   ? 
_exptl.absorpt_correction_T_min   ? 
_exptl.absorpt_correction_type    ? 
_exptl.absorpt_process_details    ? 
_exptl.entry_id                   7RVK 
_exptl.crystals_number            1 
_exptl.details                    ? 
_exptl.method                     'ELECTRON CRYSTALLOGRAPHY' 
_exptl.method_details             ? 
# 
_exptl_crystal.colour                      ? 
_exptl_crystal.density_diffrn              ? 
_exptl_crystal.density_Matthews            ? 
_exptl_crystal.density_method              ? 
_exptl_crystal.density_percent_sol         ? 
_exptl_crystal.description                 ? 
_exptl_crystal.F_000                       ? 
_exptl_crystal.id                          1 
_exptl_crystal.preparation                 ? 
_exptl_crystal.size_max                    ? 
_exptl_crystal.size_mid                    ? 
_exptl_crystal.size_min                    ? 
_exptl_crystal.size_rad                    ? 
_exptl_crystal.colour_lustre               ? 
_exptl_crystal.colour_modifier             ? 
_exptl_crystal.colour_primary              ? 
_exptl_crystal.density_meas                ? 
_exptl_crystal.density_meas_esd            ? 
_exptl_crystal.density_meas_gt             ? 
_exptl_crystal.density_meas_lt             ? 
_exptl_crystal.density_meas_temp           ? 
_exptl_crystal.density_meas_temp_esd       ? 
_exptl_crystal.density_meas_temp_gt        ? 
_exptl_crystal.density_meas_temp_lt        ? 
_exptl_crystal.pdbx_crystal_image_url      ? 
_exptl_crystal.pdbx_crystal_image_format   ? 
_exptl_crystal.pdbx_mosaicity              ? 
_exptl_crystal.pdbx_mosaicity_esd          ? 
# 
_exptl_crystal_grow.apparatus       ? 
_exptl_crystal_grow.atmosphere      ? 
_exptl_crystal_grow.crystal_id      1 
_exptl_crystal_grow.details         ? 
_exptl_crystal_grow.method          'VAPOR DIFFUSION, HANGING DROP' 
_exptl_crystal_grow.method_ref      ? 
_exptl_crystal_grow.pH              6 
_exptl_crystal_grow.pressure        ? 
_exptl_crystal_grow.pressure_esd    ? 
_exptl_crystal_grow.seeding         ? 
_exptl_crystal_grow.seeding_ref     ? 
_exptl_crystal_grow.temp            298 
_exptl_crystal_grow.temp_details    ? 
_exptl_crystal_grow.temp_esd        ? 
_exptl_crystal_grow.time            ? 
_exptl_crystal_grow.pdbx_details    '10% w/v PEG8000, 0.1 M MES, pH 6, 0.2 M sodium acetate' 
_exptl_crystal_grow.pdbx_pH_range   ? 
# 
_diffrn.ambient_environment              ? 
_diffrn.ambient_temp                     100 
_diffrn.ambient_temp_details             ? 
_diffrn.ambient_temp_esd                 ? 
_diffrn.crystal_id                       1 
_diffrn.crystal_support                  ? 
_diffrn.crystal_treatment                ? 
_diffrn.details                          ? 
_diffrn.id                               1 
_diffrn.ambient_pressure                 ? 
_diffrn.ambient_pressure_esd             ? 
_diffrn.ambient_pressure_gt              ? 
_diffrn.ambient_pressure_lt              ? 
_diffrn.ambient_temp_gt                  ? 
_diffrn.ambient_temp_lt                  ? 
_diffrn.pdbx_serial_crystal_experiment   N 
# 
_diffrn_detector.details                      ? 
_diffrn_detector.detector                     CMOS 
_diffrn_detector.diffrn_id                    1 
_diffrn_detector.type                         'TVIPS TEMCAM-F416' 
_diffrn_detector.area_resol_mean              ? 
_diffrn_detector.dtime                        ? 
_diffrn_detector.pdbx_frames_total            ? 
_diffrn_detector.pdbx_collection_time_total   ? 
_diffrn_detector.pdbx_collection_date         2016-09-22 
_diffrn_detector.pdbx_frequency               ? 
# 
_diffrn_radiation.collimation                      ? 
_diffrn_radiation.diffrn_id                        1 
_diffrn_radiation.filter_edge                      ? 
_diffrn_radiation.inhomogeneity                    ? 
_diffrn_radiation.monochromator                    ? 
_diffrn_radiation.polarisn_norm                    ? 
_diffrn_radiation.polarisn_ratio                   ? 
_diffrn_radiation.probe                            ? 
_diffrn_radiation.type                             ? 
_diffrn_radiation.xray_symbol                      ? 
_diffrn_radiation.wavelength_id                    1 
_diffrn_radiation.pdbx_monochromatic_or_laue_m_l   M 
_diffrn_radiation.pdbx_wavelength_list             ? 
_diffrn_radiation.pdbx_wavelength                  ? 
_diffrn_radiation.pdbx_diffrn_protocol             'SINGLE WAVELENGTH' 
_diffrn_radiation.pdbx_analyzer                    ? 
_diffrn_radiation.pdbx_scattering_type             electron 
# 
_diffrn_radiation_wavelength.id           1 
_diffrn_radiation_wavelength.wavelength   0.0251 
_diffrn_radiation_wavelength.wt           1.0 
# 
_diffrn_source.current                     ? 
_diffrn_source.details                     ? 
_diffrn_source.diffrn_id                   1 
_diffrn_source.power                       ? 
_diffrn_source.size                        ? 
_diffrn_source.source                      'ELECTRON MICROSCOPE' 
_diffrn_source.target                      ? 
_diffrn_source.type                        OTHER 
_diffrn_source.voltage                     ? 
_diffrn_source.take-off_angle              ? 
_diffrn_source.pdbx_wavelength_list        0.0251 
_diffrn_source.pdbx_wavelength             ? 
_diffrn_source.pdbx_synchrotron_beamline   ? 
_diffrn_source.pdbx_synchrotron_site       ? 
# 
_reflns.B_iso_Wilson_estimate                          3.580 
_reflns.entry_id                                       7RVK 
_reflns.data_reduction_details                         ? 
_reflns.data_reduction_method                          ? 
_reflns.d_resolution_high                              1.000 
_reflns.d_resolution_low                               13.840 
_reflns.details                                        ? 
_reflns.limit_h_max                                    ? 
_reflns.limit_h_min                                    ? 
_reflns.limit_k_max                                    ? 
_reflns.limit_k_min                                    ? 
_reflns.limit_l_max                                    ? 
_reflns.limit_l_min                                    ? 
_reflns.number_all                                     ? 
_reflns.number_obs                                     2076 
_reflns.observed_criterion                             ? 
_reflns.observed_criterion_F_max                       ? 
_reflns.observed_criterion_F_min                       ? 
_reflns.observed_criterion_I_max                       ? 
_reflns.observed_criterion_I_min                       ? 
_reflns.observed_criterion_sigma_F                     ? 
_reflns.observed_criterion_sigma_I                     ? 
_reflns.percent_possible_obs                           80.300 
_reflns.R_free_details                                 ? 
_reflns.Rmerge_F_all                                   ? 
_reflns.Rmerge_F_obs                                   ? 
_reflns.Friedel_coverage                               ? 
_reflns.number_gt                                      ? 
_reflns.threshold_expression                           ? 
_reflns.pdbx_redundancy                                6.217 
_reflns.pdbx_Rmerge_I_obs                              0.238 
_reflns.pdbx_Rmerge_I_all                              ? 
_reflns.pdbx_Rsym_value                                ? 
_reflns.pdbx_netI_over_av_sigmaI                       ? 
_reflns.pdbx_netI_over_sigmaI                          5.050 
_reflns.pdbx_res_netI_over_av_sigmaI_2                 ? 
_reflns.pdbx_res_netI_over_sigmaI_2                    ? 
_reflns.pdbx_chi_squared                               0.775 
_reflns.pdbx_scaling_rejects                           2 
_reflns.pdbx_d_res_high_opt                            ? 
_reflns.pdbx_d_res_low_opt                             ? 
_reflns.pdbx_d_res_opt_method                          ? 
_reflns.phase_calculation_details                      ? 
_reflns.pdbx_Rrim_I_all                                0.257 
_reflns.pdbx_Rpim_I_all                                ? 
_reflns.pdbx_d_opt                                     ? 
_reflns.pdbx_number_measured_all                       12907 
_reflns.pdbx_diffrn_id                                 1 
_reflns.pdbx_ordinal                                   1 
_reflns.pdbx_CC_half                                   0.980 
_reflns.pdbx_CC_star                                   ? 
_reflns.pdbx_R_split                                   ? 
_reflns.pdbx_aniso_diffraction_limit_axis_1_ortho[1]   ? 
_reflns.pdbx_aniso_diffraction_limit_axis_1_ortho[2]   ? 
_reflns.pdbx_aniso_diffraction_limit_axis_1_ortho[3]   ? 
_reflns.pdbx_aniso_diffraction_limit_axis_2_ortho[1]   ? 
_reflns.pdbx_aniso_diffraction_limit_axis_2_ortho[2]   ? 
_reflns.pdbx_aniso_diffraction_limit_axis_2_ortho[3]   ? 
_reflns.pdbx_aniso_diffraction_limit_axis_3_ortho[1]   ? 
_reflns.pdbx_aniso_diffraction_limit_axis_3_ortho[2]   ? 
_reflns.pdbx_aniso_diffraction_limit_axis_3_ortho[3]   ? 
_reflns.pdbx_aniso_diffraction_limit_1                 ? 
_reflns.pdbx_aniso_diffraction_limit_2                 ? 
_reflns.pdbx_aniso_diffraction_limit_3                 ? 
_reflns.pdbx_aniso_B_tensor_eigenvector_1_ortho[1]     ? 
_reflns.pdbx_aniso_B_tensor_eigenvector_1_ortho[2]     ? 
_reflns.pdbx_aniso_B_tensor_eigenvector_1_ortho[3]     ? 
_reflns.pdbx_aniso_B_tensor_eigenvector_2_ortho[1]     ? 
_reflns.pdbx_aniso_B_tensor_eigenvector_2_ortho[2]     ? 
_reflns.pdbx_aniso_B_tensor_eigenvector_2_ortho[3]     ? 
_reflns.pdbx_aniso_B_tensor_eigenvector_3_ortho[1]     ? 
_reflns.pdbx_aniso_B_tensor_eigenvector_3_ortho[2]     ? 
_reflns.pdbx_aniso_B_tensor_eigenvector_3_ortho[3]     ? 
_reflns.pdbx_aniso_B_tensor_eigenvalue_1               ? 
_reflns.pdbx_aniso_B_tensor_eigenvalue_2               ? 
_reflns.pdbx_aniso_B_tensor_eigenvalue_3               ? 
_reflns.pdbx_orthogonalization_convention              ? 
_reflns.pdbx_percent_possible_ellipsoidal              ? 
_reflns.pdbx_percent_possible_spherical                ? 
_reflns.pdbx_percent_possible_ellipsoidal_anomalous    ? 
_reflns.pdbx_percent_possible_spherical_anomalous      ? 
_reflns.pdbx_redundancy_anomalous                      ? 
_reflns.pdbx_CC_half_anomalous                         ? 
_reflns.pdbx_absDiff_over_sigma_anomalous              ? 
_reflns.pdbx_percent_possible_anomalous                ? 
_reflns.pdbx_observed_signal_threshold                 ? 
_reflns.pdbx_signal_type                               ? 
_reflns.pdbx_signal_details                            ? 
_reflns.pdbx_signal_software_id                        ? 
# 
loop_
_reflns_shell.d_res_high 
_reflns_shell.d_res_low 
_reflns_shell.meanI_over_sigI_all 
_reflns_shell.meanI_over_sigI_obs 
_reflns_shell.number_measured_all 
_reflns_shell.number_measured_obs 
_reflns_shell.number_possible 
_reflns_shell.number_unique_all 
_reflns_shell.number_unique_obs 
_reflns_shell.percent_possible_all 
_reflns_shell.percent_possible_obs 
_reflns_shell.Rmerge_F_all 
_reflns_shell.Rmerge_F_obs 
_reflns_shell.Rmerge_I_all 
_reflns_shell.Rmerge_I_obs 
_reflns_shell.meanI_over_sigI_gt 
_reflns_shell.meanI_over_uI_all 
_reflns_shell.meanI_over_uI_gt 
_reflns_shell.number_measured_gt 
_reflns_shell.number_unique_gt 
_reflns_shell.percent_possible_gt 
_reflns_shell.Rmerge_F_gt 
_reflns_shell.Rmerge_I_gt 
_reflns_shell.pdbx_redundancy 
_reflns_shell.pdbx_Rsym_value 
_reflns_shell.pdbx_chi_squared 
_reflns_shell.pdbx_netI_over_sigmaI_all 
_reflns_shell.pdbx_netI_over_sigmaI_obs 
_reflns_shell.pdbx_Rrim_I_all 
_reflns_shell.pdbx_Rpim_I_all 
_reflns_shell.pdbx_rejects 
_reflns_shell.pdbx_ordinal 
_reflns_shell.pdbx_diffrn_id 
_reflns_shell.pdbx_CC_half 
_reflns_shell.pdbx_CC_star 
_reflns_shell.pdbx_R_split 
_reflns_shell.pdbx_percent_possible_ellipsoidal 
_reflns_shell.pdbx_percent_possible_spherical 
_reflns_shell.pdbx_percent_possible_ellipsoidal_anomalous 
_reflns_shell.pdbx_percent_possible_spherical_anomalous 
_reflns_shell.pdbx_redundancy_anomalous 
_reflns_shell.pdbx_CC_half_anomalous 
_reflns_shell.pdbx_absDiff_over_sigma_anomalous 
_reflns_shell.pdbx_percent_possible_anomalous 
1.000 1.030  ? 2.250 ? 524  190 ? 123 64.700 ? ? ? ? 0.430 ? ? ? ? ? ? ? ? 4.260 ? ? ? ? 0.485 ? ? 1  1 0.862 ? ? ? ? ? ? ? ? ? ? 
1.030 1.050  ? 2.910 ? 796  174 ? 140 80.500 ? ? ? ? 0.407 ? ? ? ? ? ? ? ? 5.686 ? ? ? ? 0.446 ? ? 2  1 0.876 ? ? ? ? ? ? ? ? ? ? 
1.050 1.080  ? 3.590 ? 948  179 ? 148 82.700 ? ? ? ? 0.382 ? ? ? ? ? ? ? ? 6.405 ? ? ? ? 0.413 ? ? 3  1 0.844 ? ? ? ? ? ? ? ? ? ? 
1.080 1.120  ? 3.810 ? 877  173 ? 139 80.300 ? ? ? ? 0.364 ? ? ? ? ? ? ? ? 6.309 ? ? ? ? 0.394 ? ? 4  1 0.878 ? ? ? ? ? ? ? ? ? ? 
1.120 1.160  ? 4.570 ? 1112 194 ? 161 83.000 ? ? ? ? 0.342 ? ? ? ? ? ? ? ? 6.907 ? ? ? ? 0.366 ? ? 5  1 0.898 ? ? ? ? ? ? ? ? ? ? 
1.160 1.200  ? 4.560 ? 994  175 ? 148 84.600 ? ? ? ? 0.302 ? ? ? ? ? ? ? ? 6.716 ? ? ? ? 0.327 ? ? 6  1 0.915 ? ? ? ? ? ? ? ? ? ? 
1.200 1.240  ? 4.910 ? 824  151 ? 120 79.500 ? ? ? ? 0.332 ? ? ? ? ? ? ? ? 6.867 ? ? ? ? 0.359 ? ? 7  1 0.794 ? ? ? ? ? ? ? ? ? ? 
1.240 1.290  ? 4.520 ? 710  153 ? 127 83.000 ? ? ? ? 0.302 ? ? ? ? ? ? ? ? 5.591 ? ? ? ? 0.334 ? ? 8  1 0.947 ? ? ? ? ? ? ? ? ? ? 
1.290 1.350  ? 4.740 ? 598  134 ? 107 79.900 ? ? ? ? 0.299 ? ? ? ? ? ? ? ? 5.589 ? ? ? ? 0.325 ? ? 9  1 0.907 ? ? ? ? ? ? ? ? ? ? 
1.350 1.410  ? 4.860 ? 740  143 ? 118 82.500 ? ? ? ? 0.322 ? ? ? ? ? ? ? ? 6.271 ? ? ? ? 0.351 ? ? 10 1 0.900 ? ? ? ? ? ? ? ? ? ? 
1.410 1.490  ? 5.700 ? 691  130 ? 107 82.300 ? ? ? ? 0.297 ? ? ? ? ? ? ? ? 6.458 ? ? ? ? 0.322 ? ? 11 1 0.932 ? ? ? ? ? ? ? ? ? ? 
1.490 1.580  ? 6.390 ? 898  144 ? 121 84.000 ? ? ? ? 0.305 ? ? ? ? ? ? ? ? 7.421 ? ? ? ? 0.326 ? ? 12 1 0.928 ? ? ? ? ? ? ? ? ? ? 
1.580 1.690  ? 6.710 ? 583  115 ? 90  78.300 ? ? ? ? 0.249 ? ? ? ? ? ? ? ? 6.478 ? ? ? ? 0.270 ? ? 13 1 0.894 ? ? ? ? ? ? ? ? ? ? 
1.690 1.830  ? 6.020 ? 447  103 ? 83  80.600 ? ? ? ? 0.245 ? ? ? ? ? ? ? ? 5.386 ? ? ? ? 0.269 ? ? 14 1 0.918 ? ? ? ? ? ? ? ? ? ? 
1.830 2.000  ? 6.950 ? 485  100 ? 80  80.000 ? ? ? ? 0.207 ? ? ? ? ? ? ? ? 6.062 ? ? ? ? 0.225 ? ? 15 1 0.945 ? ? ? ? ? ? ? ? ? ? 
2.000 2.240  ? 7.510 ? 489  97  ? 79  81.400 ? ? ? ? 0.211 ? ? ? ? ? ? ? ? 6.190 ? ? ? ? 0.229 ? ? 16 1 0.939 ? ? ? ? ? ? ? ? ? ? 
2.240 2.580  ? 8.030 ? 513  87  ? 71  81.600 ? ? ? ? 0.199 ? ? ? ? ? ? ? ? 7.225 ? ? ? ? 0.213 ? ? 17 1 0.967 ? ? ? ? ? ? ? ? ? ? 
2.580 3.160  ? 6.920 ? 240  57  ? 44  77.200 ? ? ? ? 0.184 ? ? ? ? ? ? ? ? 5.455 ? ? ? ? 0.199 ? ? 18 1 0.978 ? ? ? ? ? ? ? ? ? ? 
3.160 4.470  ? 8.170 ? 317  61  ? 52  85.200 ? ? ? ? 0.202 ? ? ? ? ? ? ? ? 6.096 ? ? ? ? 0.217 ? ? 19 1 0.979 ? ? ? ? ? ? ? ? ? ? 
4.470 13.840 ? 7.720 ? 121  26  ? 18  69.200 ? ? ? ? 0.159 ? ? ? ? ? ? ? ? 6.722 ? ? ? ? 0.171 ? ? 20 1 0.976 ? ? ? ? ? ? ? ? ? ? 
# 
_refine.aniso_B[1][1]                            -0.0165 
_refine.aniso_B[1][2]                            0.1179 
_refine.aniso_B[1][3]                            0.2173 
_refine.aniso_B[2][2]                            0.2353 
_refine.aniso_B[2][3]                            -0.1016 
_refine.aniso_B[3][3]                            -0.2188 
_refine.B_iso_max                                26.760 
_refine.B_iso_mean                               5.7400 
_refine.B_iso_min                                3.000 
_refine.correlation_coeff_Fo_to_Fc               0.9361 
_refine.correlation_coeff_Fo_to_Fc_free          0.9070 
_refine.details                                  ? 
_refine.diff_density_max                         ? 
_refine.diff_density_max_esd                     ? 
_refine.diff_density_min                         ? 
_refine.diff_density_min_esd                     ? 
_refine.diff_density_rms                         ? 
_refine.diff_density_rms_esd                     ? 
_refine.entry_id                                 7RVK 
_refine.pdbx_refine_id                           'ELECTRON CRYSTALLOGRAPHY' 
_refine.ls_abs_structure_details                 ? 
_refine.ls_abs_structure_Flack                   ? 
_refine.ls_abs_structure_Flack_esd               ? 
_refine.ls_abs_structure_Rogers                  ? 
_refine.ls_abs_structure_Rogers_esd              ? 
_refine.ls_d_res_high                            1.0000 
_refine.ls_d_res_low                             13.8400 
_refine.ls_extinction_coef                       ? 
_refine.ls_extinction_coef_esd                   ? 
_refine.ls_extinction_expression                 ? 
_refine.ls_extinction_method                     ? 
_refine.ls_goodness_of_fit_all                   ? 
_refine.ls_goodness_of_fit_all_esd               ? 
_refine.ls_goodness_of_fit_obs                   ? 
_refine.ls_goodness_of_fit_obs_esd               ? 
_refine.ls_hydrogen_treatment                    ? 
_refine.ls_matrix_type                           ? 
_refine.ls_number_constraints                    ? 
_refine.ls_number_parameters                     ? 
_refine.ls_number_reflns_all                     ? 
_refine.ls_number_reflns_obs                     2075 
_refine.ls_number_reflns_R_free                  208 
_refine.ls_number_reflns_R_work                  ? 
_refine.ls_number_restraints                     ? 
_refine.ls_percent_reflns_obs                    80.3000 
_refine.ls_percent_reflns_R_free                 10.0200 
_refine.ls_R_factor_all                          ? 
_refine.ls_R_factor_obs                          0.2024 
_refine.ls_R_factor_R_free                       0.2382 
_refine.ls_R_factor_R_free_error                 ? 
_refine.ls_R_factor_R_free_error_details         ? 
_refine.ls_R_factor_R_work                       0.1984 
_refine.ls_R_Fsqd_factor_obs                     ? 
_refine.ls_R_I_factor_obs                        ? 
_refine.ls_redundancy_reflns_all                 ? 
_refine.ls_redundancy_reflns_obs                 ? 
_refine.ls_restrained_S_all                      ? 
_refine.ls_restrained_S_obs                      ? 
_refine.ls_shift_over_esd_max                    ? 
_refine.ls_shift_over_esd_mean                   ? 
_refine.ls_structure_factor_coef                 ? 
_refine.ls_weighting_details                     ? 
_refine.ls_weighting_scheme                      ? 
_refine.ls_wR_factor_all                         ? 
_refine.ls_wR_factor_obs                         ? 
_refine.ls_wR_factor_R_free                      ? 
_refine.ls_wR_factor_R_work                      ? 
_refine.occupancy_max                            ? 
_refine.occupancy_min                            ? 
_refine.solvent_model_details                    ? 
_refine.solvent_model_param_bsol                 ? 
_refine.solvent_model_param_ksol                 ? 
_refine.pdbx_R_complete                          ? 
_refine.ls_R_factor_gt                           ? 
_refine.ls_goodness_of_fit_gt                    ? 
_refine.ls_goodness_of_fit_ref                   ? 
_refine.ls_shift_over_su_max                     ? 
_refine.ls_shift_over_su_max_lt                  ? 
_refine.ls_shift_over_su_mean                    ? 
_refine.ls_shift_over_su_mean_lt                 ? 
_refine.pdbx_ls_sigma_I                          ? 
_refine.pdbx_ls_sigma_F                          0.000 
_refine.pdbx_ls_sigma_Fsqd                       ? 
_refine.pdbx_data_cutoff_high_absF               ? 
_refine.pdbx_data_cutoff_high_rms_absF           ? 
_refine.pdbx_data_cutoff_low_absF                ? 
_refine.pdbx_isotropic_thermal_model             ? 
_refine.pdbx_ls_cross_valid_method               THROUGHOUT 
_refine.pdbx_method_to_determine_struct          'AB INITIO PHASING' 
_refine.pdbx_starting_model                      ? 
_refine.pdbx_stereochemistry_target_values       ? 
_refine.pdbx_R_Free_selection_details            RANDOM 
_refine.pdbx_stereochem_target_val_spec_case     ? 
_refine.pdbx_overall_ESU_R                       ? 
_refine.pdbx_overall_ESU_R_Free                  ? 
_refine.pdbx_solvent_vdw_probe_radii             ? 
_refine.pdbx_solvent_ion_probe_radii             ? 
_refine.pdbx_solvent_shrinkage_radii             ? 
_refine.pdbx_real_space_R                        ? 
_refine.pdbx_density_correlation                 ? 
_refine.pdbx_pd_number_of_powder_patterns        ? 
_refine.pdbx_pd_number_of_points                 ? 
_refine.pdbx_pd_meas_number_of_points            ? 
_refine.pdbx_pd_proc_ls_prof_R_factor            ? 
_refine.pdbx_pd_proc_ls_prof_wR_factor           ? 
_refine.pdbx_pd_Marquardt_correlation_coeff      ? 
_refine.pdbx_pd_Fsqrd_R_factor                   ? 
_refine.pdbx_pd_ls_matrix_band_width             ? 
_refine.pdbx_overall_phase_error                 ? 
_refine.pdbx_overall_SU_R_free_Cruickshank_DPI   0.0450 
_refine.pdbx_overall_SU_R_free_Blow_DPI          0.0450 
_refine.pdbx_overall_SU_R_Blow_DPI               0.0400 
_refine.pdbx_TLS_residual_ADP_flag               ? 
_refine.pdbx_diffrn_id                           1 
_refine.overall_SU_B                             ? 
_refine.overall_SU_ML                            ? 
_refine.overall_SU_R_Cruickshank_DPI             0.0430 
_refine.overall_SU_R_free                        ? 
_refine.overall_FOM_free_R_set                   ? 
_refine.overall_FOM_work_R_set                   ? 
_refine.pdbx_average_fsc_overall                 ? 
_refine.pdbx_average_fsc_work                    ? 
_refine.pdbx_average_fsc_free                    ? 
# 
_refine_analyze.entry_id                        7RVK 
_refine_analyze.pdbx_refine_id                  'ELECTRON CRYSTALLOGRAPHY' 
_refine_analyze.Luzzati_coordinate_error_free   ? 
_refine_analyze.Luzzati_coordinate_error_obs    0.189 
_refine_analyze.Luzzati_d_res_low_free          ? 
_refine_analyze.Luzzati_d_res_low_obs           ? 
_refine_analyze.Luzzati_sigma_a_free            ? 
_refine_analyze.Luzzati_sigma_a_free_details    ? 
_refine_analyze.Luzzati_sigma_a_obs             ? 
_refine_analyze.Luzzati_sigma_a_obs_details     ? 
_refine_analyze.number_disordered_residues      ? 
_refine_analyze.occupancy_sum_hydrogen          ? 
_refine_analyze.occupancy_sum_non_hydrogen      ? 
_refine_analyze.RG_d_res_high                   ? 
_refine_analyze.RG_d_res_low                    ? 
_refine_analyze.RG_free                         ? 
_refine_analyze.RG_work                         ? 
_refine_analyze.RG_free_work_ratio              ? 
_refine_analyze.pdbx_Luzzati_d_res_high_obs     ? 
# 
_refine_hist.pdbx_refine_id                   'ELECTRON CRYSTALLOGRAPHY' 
_refine_hist.cycle_id                         final 
_refine_hist.details                          ? 
_refine_hist.d_res_high                       1.0000 
_refine_hist.d_res_low                        13.8400 
_refine_hist.number_atoms_solvent             6 
_refine_hist.number_atoms_total               69 
_refine_hist.number_reflns_all                ? 
_refine_hist.number_reflns_obs                ? 
_refine_hist.number_reflns_R_free             ? 
_refine_hist.number_reflns_R_work             ? 
_refine_hist.R_factor_all                     ? 
_refine_hist.R_factor_obs                     ? 
_refine_hist.R_factor_R_free                  ? 
_refine_hist.R_factor_R_work                  ? 
_refine_hist.pdbx_number_residues_total       7 
_refine_hist.pdbx_B_iso_mean_ligand           8.71 
_refine_hist.pdbx_B_iso_mean_solvent          14.52 
_refine_hist.pdbx_number_atoms_protein        55 
_refine_hist.pdbx_number_atoms_nucleic_acid   0 
_refine_hist.pdbx_number_atoms_ligand         8 
_refine_hist.pdbx_number_atoms_lipid          ? 
_refine_hist.pdbx_number_atoms_carb           ? 
_refine_hist.pdbx_pseudo_atom_details         ? 
# 
loop_
_refine_ls_restr.pdbx_refine_id 
_refine_ls_restr.criterion 
_refine_ls_restr.dev_ideal 
_refine_ls_restr.dev_ideal_target 
_refine_ls_restr.number 
_refine_ls_restr.rejects 
_refine_ls_restr.type 
_refine_ls_restr.weight 
_refine_ls_restr.pdbx_restraint_function 
'ELECTRON CRYSTALLOGRAPHY' ? ?      ? 19  ? t_dihedral_angle_d        2.000  SINUSOIDAL   
'ELECTRON CRYSTALLOGRAPHY' ? ?      ? 5   ? t_trig_c_planes           2.000  HARMONIC     
'ELECTRON CRYSTALLOGRAPHY' ? ?      ? 18  ? t_gen_planes              5.000  HARMONIC     
'ELECTRON CRYSTALLOGRAPHY' ? ?      ? 103 ? t_it                      20.000 HARMONIC     
'ELECTRON CRYSTALLOGRAPHY' ? ?      ? 1   ? t_nbd                     5.000  SEMIHARMONIC 
'ELECTRON CRYSTALLOGRAPHY' ? ?      ? ?   ? t_improper_torsion        ?      ?            
'ELECTRON CRYSTALLOGRAPHY' ? ?      ? ?   ? t_pseud_angle             ?      ?            
'ELECTRON CRYSTALLOGRAPHY' ? ?      ? 6   ? t_chiral_improper_torsion 5.000  SEMIHARMONIC 
'ELECTRON CRYSTALLOGRAPHY' ? ?      ? ?   ? t_sum_occupancies         ?      ?            
'ELECTRON CRYSTALLOGRAPHY' ? ?      ? ?   ? t_utility_distance        ?      ?            
'ELECTRON CRYSTALLOGRAPHY' ? ?      ? ?   ? t_utility_angle           ?      ?            
'ELECTRON CRYSTALLOGRAPHY' ? ?      ? ?   ? t_utility_torsion         ?      ?            
'ELECTRON CRYSTALLOGRAPHY' ? ?      ? 93  ? t_ideal_dist_contact      4.000  SEMIHARMONIC 
'ELECTRON CRYSTALLOGRAPHY' ? 0.010  ? 103 ? t_bond_d                  2.000  HARMONIC     
'ELECTRON CRYSTALLOGRAPHY' ? 0.940  ? 175 ? t_angle_deg               2.000  HARMONIC     
'ELECTRON CRYSTALLOGRAPHY' ? 3.140  ? ?   ? t_omega_torsion           ?      ?            
'ELECTRON CRYSTALLOGRAPHY' ? 24.600 ? ?   ? t_other_torsion           ?      ?            
# 
_refine_ls_shell.pdbx_refine_id                   'ELECTRON CRYSTALLOGRAPHY' 
_refine_ls_shell.d_res_high                       1.0000 
_refine_ls_shell.d_res_low                        1.1200 
_refine_ls_shell.number_reflns_all                550 
_refine_ls_shell.number_reflns_obs                ? 
_refine_ls_shell.number_reflns_R_free             55 
_refine_ls_shell.number_reflns_R_work             495 
_refine_ls_shell.percent_reflns_obs               80.3000 
_refine_ls_shell.percent_reflns_R_free            10.0000 
_refine_ls_shell.R_factor_all                     0.2084 
_refine_ls_shell.R_factor_obs                     ? 
_refine_ls_shell.R_factor_R_free                  0.2223 
_refine_ls_shell.R_factor_R_free_error            0.0000 
_refine_ls_shell.R_factor_R_work                  0.2067 
_refine_ls_shell.redundancy_reflns_all            ? 
_refine_ls_shell.redundancy_reflns_obs            ? 
_refine_ls_shell.wR_factor_all                    ? 
_refine_ls_shell.wR_factor_obs                    ? 
_refine_ls_shell.wR_factor_R_free                 ? 
_refine_ls_shell.wR_factor_R_work                 ? 
_refine_ls_shell.pdbx_R_complete                  ? 
_refine_ls_shell.pdbx_total_number_of_bins_used   5 
_refine_ls_shell.pdbx_phase_error                 ? 
_refine_ls_shell.pdbx_fsc_work                    ? 
_refine_ls_shell.pdbx_fsc_free                    ? 
# 
_struct.entry_id                     7RVK 
_struct.title                        'Segment from Y169G mutant of the human prion protein 169-175 GSNQNNF' 
_struct.pdbx_model_details           ? 
_struct.pdbx_formula_weight          ? 
_struct.pdbx_formula_weight_method   ? 
_struct.pdbx_model_type_details      ? 
_struct.pdbx_CASP_flag               N 
# 
_struct_keywords.entry_id        7RVK 
_struct_keywords.text            'amyloid, prion, fibril, PROTEIN FIBRIL' 
_struct_keywords.pdbx_keywords   'PROTEIN FIBRIL' 
# 
loop_
_struct_asym.id 
_struct_asym.pdbx_blank_PDB_chainid_flag 
_struct_asym.pdbx_modified 
_struct_asym.entity_id 
_struct_asym.details 
A N N 1 ? 
B N N 2 ? 
C N N 3 ? 
D N N 4 ? 
# 
_struct_ref.id                         1 
_struct_ref.db_name                    UNP 
_struct_ref.db_code                    PRIO_HUMAN 
_struct_ref.pdbx_db_accession          P04156 
_struct_ref.pdbx_db_isoform            ? 
_struct_ref.entity_id                  1 
_struct_ref.pdbx_seq_one_letter_code   YSNQNNF 
_struct_ref.pdbx_align_begin           169 
# 
_struct_ref_seq.align_id                      1 
_struct_ref_seq.ref_id                        1 
_struct_ref_seq.pdbx_PDB_id_code              7RVK 
_struct_ref_seq.pdbx_strand_id                A 
_struct_ref_seq.seq_align_beg                 1 
_struct_ref_seq.pdbx_seq_align_beg_ins_code   ? 
_struct_ref_seq.seq_align_end                 7 
_struct_ref_seq.pdbx_seq_align_end_ins_code   ? 
_struct_ref_seq.pdbx_db_accession             P04156 
_struct_ref_seq.db_align_beg                  169 
_struct_ref_seq.pdbx_db_align_beg_ins_code    ? 
_struct_ref_seq.db_align_end                  175 
_struct_ref_seq.pdbx_db_align_end_ins_code    ? 
_struct_ref_seq.pdbx_auth_seq_align_beg       169 
_struct_ref_seq.pdbx_auth_seq_align_end       175 
# 
_struct_ref_seq_dif.align_id                     1 
_struct_ref_seq_dif.pdbx_pdb_id_code             7RVK 
_struct_ref_seq_dif.mon_id                       GLY 
_struct_ref_seq_dif.pdbx_pdb_strand_id           A 
_struct_ref_seq_dif.seq_num                      1 
_struct_ref_seq_dif.pdbx_pdb_ins_code            ? 
_struct_ref_seq_dif.pdbx_seq_db_name             UNP 
_struct_ref_seq_dif.pdbx_seq_db_accession_code   P04156 
_struct_ref_seq_dif.db_mon_id                    TYR 
_struct_ref_seq_dif.pdbx_seq_db_seq_num          169 
_struct_ref_seq_dif.details                      'engineered mutation' 
_struct_ref_seq_dif.pdbx_auth_seq_num            169 
_struct_ref_seq_dif.pdbx_ordinal                 1 
# 
_pdbx_struct_assembly.id                   1 
_pdbx_struct_assembly.details              author_defined_assembly 
_pdbx_struct_assembly.method_details       ? 
_pdbx_struct_assembly.oligomeric_details   monomeric 
_pdbx_struct_assembly.oligomeric_count     1 
# 
loop_
_pdbx_struct_assembly_prop.biol_id 
_pdbx_struct_assembly_prop.type 
_pdbx_struct_assembly_prop.value 
_pdbx_struct_assembly_prop.details 
1 'ABSA (A^2)' 140  ? 
1 MORE         -15  ? 
1 'SSA (A^2)'  1160 ? 
# 
_pdbx_struct_assembly_gen.assembly_id       1 
_pdbx_struct_assembly_gen.oper_expression   1 
_pdbx_struct_assembly_gen.asym_id_list      A,B,C,D 
# 
_pdbx_struct_assembly_auth_evidence.id                     1 
_pdbx_struct_assembly_auth_evidence.assembly_id            1 
_pdbx_struct_assembly_auth_evidence.experimental_support   'electron microscopy' 
_pdbx_struct_assembly_auth_evidence.details                ? 
# 
_pdbx_struct_oper_list.id                   1 
_pdbx_struct_oper_list.type                 'identity operation' 
_pdbx_struct_oper_list.name                 1_555 
_pdbx_struct_oper_list.symmetry_operation   x,y,z 
_pdbx_struct_oper_list.matrix[1][1]         1.0000000000 
_pdbx_struct_oper_list.matrix[1][2]         0.0000000000 
_pdbx_struct_oper_list.matrix[1][3]         0.0000000000 
_pdbx_struct_oper_list.vector[1]            0.0000000000 
_pdbx_struct_oper_list.matrix[2][1]         0.0000000000 
_pdbx_struct_oper_list.matrix[2][2]         1.0000000000 
_pdbx_struct_oper_list.matrix[2][3]         0.0000000000 
_pdbx_struct_oper_list.vector[2]            0.0000000000 
_pdbx_struct_oper_list.matrix[3][1]         0.0000000000 
_pdbx_struct_oper_list.matrix[3][2]         0.0000000000 
_pdbx_struct_oper_list.matrix[3][3]         1.0000000000 
_pdbx_struct_oper_list.vector[3]            0.0000000000 
# 
loop_
_struct_conn.id 
_struct_conn.conn_type_id 
_struct_conn.pdbx_leaving_atom_flag 
_struct_conn.pdbx_PDB_id 
_struct_conn.ptnr1_label_asym_id 
_struct_conn.ptnr1_label_comp_id 
_struct_conn.ptnr1_label_seq_id 
_struct_conn.ptnr1_label_atom_id 
_struct_conn.pdbx_ptnr1_label_alt_id 
_struct_conn.pdbx_ptnr1_PDB_ins_code 
_struct_conn.pdbx_ptnr1_standard_comp_id 
_struct_conn.ptnr1_symmetry 
_struct_conn.ptnr2_label_asym_id 
_struct_conn.ptnr2_label_comp_id 
_struct_conn.ptnr2_label_seq_id 
_struct_conn.ptnr2_label_atom_id 
_struct_conn.pdbx_ptnr2_label_alt_id 
_struct_conn.pdbx_ptnr2_PDB_ins_code 
_struct_conn.ptnr1_auth_asym_id 
_struct_conn.ptnr1_auth_comp_id 
_struct_conn.ptnr1_auth_seq_id 
_struct_conn.ptnr2_auth_asym_id 
_struct_conn.ptnr2_auth_comp_id 
_struct_conn.ptnr2_auth_seq_id 
_struct_conn.ptnr2_symmetry 
_struct_conn.pdbx_ptnr3_label_atom_id 
_struct_conn.pdbx_ptnr3_label_seq_id 
_struct_conn.pdbx_ptnr3_label_comp_id 
_struct_conn.pdbx_ptnr3_label_asym_id 
_struct_conn.pdbx_ptnr3_label_alt_id 
_struct_conn.pdbx_ptnr3_PDB_ins_code 
_struct_conn.details 
_struct_conn.pdbx_dist_value 
_struct_conn.pdbx_value_order 
_struct_conn.pdbx_role 
metalc1 metalc ? ? A GLY 1 N   ? ? ? 1_555 C ZN . ZN ? ? A GLY 169 A ZN 202 1_555 ? ? ? ? ? ? ? 2.095 ? ? 
metalc2 metalc ? ? A GLY 1 O   ? ? ? 1_555 C ZN . ZN ? ? A GLY 169 A ZN 202 1_555 ? ? ? ? ? ? ? 2.263 ? ? 
metalc3 metalc ? ? A PHE 7 OXT ? ? ? 1_555 C ZN . ZN ? ? A PHE 175 A ZN 202 1_564 ? ? ? ? ? ? ? 2.195 ? ? 
metalc4 metalc ? ? B ACT . OXT ? ? ? 1_555 C ZN . ZN ? ? A ACT 201 A ZN 202 1_555 ? ? ? ? ? ? ? 1.951 ? ? 
metalc5 metalc ? ? B ACT . O   ? ? ? 1_555 C ZN . ZN ? ? A ACT 201 A ZN 202 1_455 ? ? ? ? ? ? ? 1.884 ? ? 
# 
_struct_conn_type.id          metalc 
_struct_conn_type.criteria    ? 
_struct_conn_type.reference   ? 
# 
loop_
_pdbx_struct_conn_angle.id 
_pdbx_struct_conn_angle.ptnr1_label_atom_id 
_pdbx_struct_conn_angle.ptnr1_label_alt_id 
_pdbx_struct_conn_angle.ptnr1_label_asym_id 
_pdbx_struct_conn_angle.ptnr1_label_comp_id 
_pdbx_struct_conn_angle.ptnr1_label_seq_id 
_pdbx_struct_conn_angle.ptnr1_auth_atom_id 
_pdbx_struct_conn_angle.ptnr1_auth_asym_id 
_pdbx_struct_conn_angle.ptnr1_auth_comp_id 
_pdbx_struct_conn_angle.ptnr1_auth_seq_id 
_pdbx_struct_conn_angle.ptnr1_PDB_ins_code 
_pdbx_struct_conn_angle.ptnr1_symmetry 
_pdbx_struct_conn_angle.ptnr2_label_atom_id 
_pdbx_struct_conn_angle.ptnr2_label_alt_id 
_pdbx_struct_conn_angle.ptnr2_label_asym_id 
_pdbx_struct_conn_angle.ptnr2_label_comp_id 
_pdbx_struct_conn_angle.ptnr2_label_seq_id 
_pdbx_struct_conn_angle.ptnr2_auth_atom_id 
_pdbx_struct_conn_angle.ptnr2_auth_asym_id 
_pdbx_struct_conn_angle.ptnr2_auth_comp_id 
_pdbx_struct_conn_angle.ptnr2_auth_seq_id 
_pdbx_struct_conn_angle.ptnr2_PDB_ins_code 
_pdbx_struct_conn_angle.ptnr2_symmetry 
_pdbx_struct_conn_angle.ptnr3_label_atom_id 
_pdbx_struct_conn_angle.ptnr3_label_alt_id 
_pdbx_struct_conn_angle.ptnr3_label_asym_id 
_pdbx_struct_conn_angle.ptnr3_label_comp_id 
_pdbx_struct_conn_angle.ptnr3_label_seq_id 
_pdbx_struct_conn_angle.ptnr3_auth_atom_id 
_pdbx_struct_conn_angle.ptnr3_auth_asym_id 
_pdbx_struct_conn_angle.ptnr3_auth_comp_id 
_pdbx_struct_conn_angle.ptnr3_auth_seq_id 
_pdbx_struct_conn_angle.ptnr3_PDB_ins_code 
_pdbx_struct_conn_angle.ptnr3_symmetry 
_pdbx_struct_conn_angle.value 
_pdbx_struct_conn_angle.value_esd 
1  N   ? A GLY 1 ? A GLY 169 ? 1_555 ZN ? C ZN . ? A ZN 202 ? 1_555 O   ? A GLY 1 ? A GLY 169 ? 1_555 76.4  ? 
2  N   ? A GLY 1 ? A GLY 169 ? 1_555 ZN ? C ZN . ? A ZN 202 ? 1_555 OXT ? A PHE 7 ? A PHE 175 ? 1_555 114.3 ? 
3  O   ? A GLY 1 ? A GLY 169 ? 1_555 ZN ? C ZN . ? A ZN 202 ? 1_555 OXT ? A PHE 7 ? A PHE 175 ? 1_555 49.5  ? 
4  N   ? A GLY 1 ? A GLY 169 ? 1_555 ZN ? C ZN . ? A ZN 202 ? 1_555 OXT ? B ACT . ? A ACT 201 ? 1_555 111.3 ? 
5  O   ? A GLY 1 ? A GLY 169 ? 1_555 ZN ? C ZN . ? A ZN 202 ? 1_555 OXT ? B ACT . ? A ACT 201 ? 1_555 96.6  ? 
6  OXT ? A PHE 7 ? A PHE 175 ? 1_555 ZN ? C ZN . ? A ZN 202 ? 1_555 OXT ? B ACT . ? A ACT 201 ? 1_555 54.2  ? 
7  N   ? A GLY 1 ? A GLY 169 ? 1_555 ZN ? C ZN . ? A ZN 202 ? 1_555 O   ? B ACT . ? A ACT 201 ? 1_555 67.8  ? 
8  O   ? A GLY 1 ? A GLY 169 ? 1_555 ZN ? C ZN . ? A ZN 202 ? 1_555 O   ? B ACT . ? A ACT 201 ? 1_555 90.6  ? 
9  OXT ? A PHE 7 ? A PHE 175 ? 1_555 ZN ? C ZN . ? A ZN 202 ? 1_555 O   ? B ACT . ? A ACT 201 ? 1_555 77.4  ? 
10 OXT ? B ACT . ? A ACT 201 ? 1_555 ZN ? C ZN . ? A ZN 202 ? 1_555 O   ? B ACT . ? A ACT 201 ? 1_555 43.7  ? 
# 
_pdbx_entry_details.entry_id                 7RVK 
_pdbx_entry_details.has_ligand_of_interest   N 
_pdbx_entry_details.compound_details         ? 
_pdbx_entry_details.source_details           ? 
_pdbx_entry_details.nonpolymer_details       ? 
_pdbx_entry_details.sequence_details         ? 
# 
_em_3d_reconstruction.entry_id                    7RVK 
_em_3d_reconstruction.id                          1 
_em_3d_reconstruction.algorithm                   ? 
_em_3d_reconstruction.details                     ? 
_em_3d_reconstruction.refinement_type             ? 
_em_3d_reconstruction.image_processing_id         1 
_em_3d_reconstruction.num_class_averages          ? 
_em_3d_reconstruction.num_particles               ? 
_em_3d_reconstruction.resolution                  1.00 
_em_3d_reconstruction.resolution_method           'DIFFRACTION PATTERN/LAYERLINES' 
_em_3d_reconstruction.symmetry_type               '3D CRYSTAL' 
_em_3d_reconstruction.method                      ? 
_em_3d_reconstruction.nominal_pixel_size          ? 
_em_3d_reconstruction.actual_pixel_size           ? 
_em_3d_reconstruction.magnification_calibration   ? 
# 
_em_entity_assembly.details              ? 
_em_entity_assembly.entity_id_list       1 
_em_entity_assembly.id                   1 
_em_entity_assembly.name                 'Major prion protein' 
_em_entity_assembly.oligomeric_details   ? 
_em_entity_assembly.parent_id            0 
_em_entity_assembly.source               NATURAL 
_em_entity_assembly.synonym              ? 
_em_entity_assembly.type                 COMPLEX 
# 
_em_imaging.id                              1 
_em_imaging.entry_id                        7RVK 
_em_imaging.accelerating_voltage            300 
_em_imaging.alignment_procedure             . 
_em_imaging.c2_aperture_diameter            . 
_em_imaging.calibrated_defocus_max          ? 
_em_imaging.calibrated_defocus_min          ? 
_em_imaging.calibrated_magnification        ? 
_em_imaging.cryogen                         NITROGEN 
_em_imaging.details                         ? 
_em_imaging.electron_source                 'FIELD EMISSION GUN' 
_em_imaging.illumination_mode               'FLOOD BEAM' 
_em_imaging.microscope_model                'FEI TECNAI F30' 
_em_imaging.mode                            DIFFRACTION 
_em_imaging.nominal_cs                      ? 
_em_imaging.nominal_defocus_max             ? 
_em_imaging.nominal_defocus_min             ? 
_em_imaging.nominal_magnification           ? 
_em_imaging.recording_temperature_maximum   ? 
_em_imaging.recording_temperature_minimum   ? 
_em_imaging.residual_tilt                   ? 
_em_imaging.specimen_holder_model           . 
_em_imaging.specimen_id                     1 
_em_imaging.citation_id                     ? 
_em_imaging.date                            ? 
_em_imaging.temperature                     ? 
_em_imaging.tilt_angle_min                  ? 
_em_imaging.tilt_angle_max                  ? 
_em_imaging.astigmatism                     ? 
_em_imaging.detector_distance               ? 
_em_imaging.electron_beam_tilt_params       ? 
_em_imaging.specimen_holder_type            ? 
# 
_em_experiment.entry_id                7RVK 
_em_experiment.id                      1 
_em_experiment.aggregation_state       '3D ARRAY' 
_em_experiment.reconstruction_method   CRYSTALLOGRAPHY 
_em_experiment.entity_assembly_id      1 
# 
loop_
_chem_comp_atom.comp_id 
_chem_comp_atom.atom_id 
_chem_comp_atom.type_symbol 
_chem_comp_atom.pdbx_aromatic_flag 
_chem_comp_atom.pdbx_stereo_config 
_chem_comp_atom.pdbx_ordinal 
ACT C    C  N N 1   
ACT O    O  N N 2   
ACT OXT  O  N N 3   
ACT CH3  C  N N 4   
ACT H1   H  N N 5   
ACT H2   H  N N 6   
ACT H3   H  N N 7   
ASN N    N  N N 8   
ASN CA   C  N S 9   
ASN C    C  N N 10  
ASN O    O  N N 11  
ASN CB   C  N N 12  
ASN CG   C  N N 13  
ASN OD1  O  N N 14  
ASN ND2  N  N N 15  
ASN OXT  O  N N 16  
ASN H    H  N N 17  
ASN H2   H  N N 18  
ASN HA   H  N N 19  
ASN HB2  H  N N 20  
ASN HB3  H  N N 21  
ASN HD21 H  N N 22  
ASN HD22 H  N N 23  
ASN HXT  H  N N 24  
GLN N    N  N N 25  
GLN CA   C  N S 26  
GLN C    C  N N 27  
GLN O    O  N N 28  
GLN CB   C  N N 29  
GLN CG   C  N N 30  
GLN CD   C  N N 31  
GLN OE1  O  N N 32  
GLN NE2  N  N N 33  
GLN OXT  O  N N 34  
GLN H    H  N N 35  
GLN H2   H  N N 36  
GLN HA   H  N N 37  
GLN HB2  H  N N 38  
GLN HB3  H  N N 39  
GLN HG2  H  N N 40  
GLN HG3  H  N N 41  
GLN HE21 H  N N 42  
GLN HE22 H  N N 43  
GLN HXT  H  N N 44  
GLY N    N  N N 45  
GLY CA   C  N N 46  
GLY C    C  N N 47  
GLY O    O  N N 48  
GLY OXT  O  N N 49  
GLY H    H  N N 50  
GLY H2   H  N N 51  
GLY HA2  H  N N 52  
GLY HA3  H  N N 53  
GLY HXT  H  N N 54  
HOH O    O  N N 55  
HOH H1   H  N N 56  
HOH H2   H  N N 57  
PHE N    N  N N 58  
PHE CA   C  N S 59  
PHE C    C  N N 60  
PHE O    O  N N 61  
PHE CB   C  N N 62  
PHE CG   C  Y N 63  
PHE CD1  C  Y N 64  
PHE CD2  C  Y N 65  
PHE CE1  C  Y N 66  
PHE CE2  C  Y N 67  
PHE CZ   C  Y N 68  
PHE OXT  O  N N 69  
PHE H    H  N N 70  
PHE H2   H  N N 71  
PHE HA   H  N N 72  
PHE HB2  H  N N 73  
PHE HB3  H  N N 74  
PHE HD1  H  N N 75  
PHE HD2  H  N N 76  
PHE HE1  H  N N 77  
PHE HE2  H  N N 78  
PHE HZ   H  N N 79  
PHE HXT  H  N N 80  
SER N    N  N N 81  
SER CA   C  N S 82  
SER C    C  N N 83  
SER O    O  N N 84  
SER CB   C  N N 85  
SER OG   O  N N 86  
SER OXT  O  N N 87  
SER H    H  N N 88  
SER H2   H  N N 89  
SER HA   H  N N 90  
SER HB2  H  N N 91  
SER HB3  H  N N 92  
SER HG   H  N N 93  
SER HXT  H  N N 94  
TYR N    N  N N 95  
TYR CA   C  N S 96  
TYR C    C  N N 97  
TYR O    O  N N 98  
TYR CB   C  N N 99  
TYR CG   C  Y N 100 
TYR CD1  C  Y N 101 
TYR CD2  C  Y N 102 
TYR CE1  C  Y N 103 
TYR CE2  C  Y N 104 
TYR CZ   C  Y N 105 
TYR OH   O  N N 106 
TYR OXT  O  N N 107 
TYR H    H  N N 108 
TYR H2   H  N N 109 
TYR HA   H  N N 110 
TYR HB2  H  N N 111 
TYR HB3  H  N N 112 
TYR HD1  H  N N 113 
TYR HD2  H  N N 114 
TYR HE1  H  N N 115 
TYR HE2  H  N N 116 
TYR HH   H  N N 117 
TYR HXT  H  N N 118 
ZN  ZN   ZN N N 119 
# 
loop_
_chem_comp_bond.comp_id 
_chem_comp_bond.atom_id_1 
_chem_comp_bond.atom_id_2 
_chem_comp_bond.value_order 
_chem_comp_bond.pdbx_aromatic_flag 
_chem_comp_bond.pdbx_stereo_config 
_chem_comp_bond.pdbx_ordinal 
ACT C   O    doub N N 1   
ACT C   OXT  sing N N 2   
ACT C   CH3  sing N N 3   
ACT CH3 H1   sing N N 4   
ACT CH3 H2   sing N N 5   
ACT CH3 H3   sing N N 6   
ASN N   CA   sing N N 7   
ASN N   H    sing N N 8   
ASN N   H2   sing N N 9   
ASN CA  C    sing N N 10  
ASN CA  CB   sing N N 11  
ASN CA  HA   sing N N 12  
ASN C   O    doub N N 13  
ASN C   OXT  sing N N 14  
ASN CB  CG   sing N N 15  
ASN CB  HB2  sing N N 16  
ASN CB  HB3  sing N N 17  
ASN CG  OD1  doub N N 18  
ASN CG  ND2  sing N N 19  
ASN ND2 HD21 sing N N 20  
ASN ND2 HD22 sing N N 21  
ASN OXT HXT  sing N N 22  
GLN N   CA   sing N N 23  
GLN N   H    sing N N 24  
GLN N   H2   sing N N 25  
GLN CA  C    sing N N 26  
GLN CA  CB   sing N N 27  
GLN CA  HA   sing N N 28  
GLN C   O    doub N N 29  
GLN C   OXT  sing N N 30  
GLN CB  CG   sing N N 31  
GLN CB  HB2  sing N N 32  
GLN CB  HB3  sing N N 33  
GLN CG  CD   sing N N 34  
GLN CG  HG2  sing N N 35  
GLN CG  HG3  sing N N 36  
GLN CD  OE1  doub N N 37  
GLN CD  NE2  sing N N 38  
GLN NE2 HE21 sing N N 39  
GLN NE2 HE22 sing N N 40  
GLN OXT HXT  sing N N 41  
GLY N   CA   sing N N 42  
GLY N   H    sing N N 43  
GLY N   H2   sing N N 44  
GLY CA  C    sing N N 45  
GLY CA  HA2  sing N N 46  
GLY CA  HA3  sing N N 47  
GLY C   O    doub N N 48  
GLY C   OXT  sing N N 49  
GLY OXT HXT  sing N N 50  
HOH O   H1   sing N N 51  
HOH O   H2   sing N N 52  
PHE N   CA   sing N N 53  
PHE N   H    sing N N 54  
PHE N   H2   sing N N 55  
PHE CA  C    sing N N 56  
PHE CA  CB   sing N N 57  
PHE CA  HA   sing N N 58  
PHE C   O    doub N N 59  
PHE C   OXT  sing N N 60  
PHE CB  CG   sing N N 61  
PHE CB  HB2  sing N N 62  
PHE CB  HB3  sing N N 63  
PHE CG  CD1  doub Y N 64  
PHE CG  CD2  sing Y N 65  
PHE CD1 CE1  sing Y N 66  
PHE CD1 HD1  sing N N 67  
PHE CD2 CE2  doub Y N 68  
PHE CD2 HD2  sing N N 69  
PHE CE1 CZ   doub Y N 70  
PHE CE1 HE1  sing N N 71  
PHE CE2 CZ   sing Y N 72  
PHE CE2 HE2  sing N N 73  
PHE CZ  HZ   sing N N 74  
PHE OXT HXT  sing N N 75  
SER N   CA   sing N N 76  
SER N   H    sing N N 77  
SER N   H2   sing N N 78  
SER CA  C    sing N N 79  
SER CA  CB   sing N N 80  
SER CA  HA   sing N N 81  
SER C   O    doub N N 82  
SER C   OXT  sing N N 83  
SER CB  OG   sing N N 84  
SER CB  HB2  sing N N 85  
SER CB  HB3  sing N N 86  
SER OG  HG   sing N N 87  
SER OXT HXT  sing N N 88  
TYR N   CA   sing N N 89  
TYR N   H    sing N N 90  
TYR N   H2   sing N N 91  
TYR CA  C    sing N N 92  
TYR CA  CB   sing N N 93  
TYR CA  HA   sing N N 94  
TYR C   O    doub N N 95  
TYR C   OXT  sing N N 96  
TYR CB  CG   sing N N 97  
TYR CB  HB2  sing N N 98  
TYR CB  HB3  sing N N 99  
TYR CG  CD1  doub Y N 100 
TYR CG  CD2  sing Y N 101 
TYR CD1 CE1  sing Y N 102 
TYR CD1 HD1  sing N N 103 
TYR CD2 CE2  doub Y N 104 
TYR CD2 HD2  sing N N 105 
TYR CE1 CZ   doub Y N 106 
TYR CE1 HE1  sing N N 107 
TYR CE2 CZ   sing Y N 108 
TYR CE2 HE2  sing N N 109 
TYR CZ  OH   sing N N 110 
TYR OH  HH   sing N N 111 
TYR OXT HXT  sing N N 112 
# 
_em_3d_crystal_entity.id                    1 
_em_3d_crystal_entity.image_processing_id   1 
_em_3d_crystal_entity.angle_alpha           90.000 
_em_3d_crystal_entity.angle_beta            93.710 
_em_3d_crystal_entity.angle_gamma           101.210 
_em_3d_crystal_entity.length_a              4.860 
_em_3d_crystal_entity.length_b              14.110 
_em_3d_crystal_entity.length_c              18.410 
_em_3d_crystal_entity.space_group_name      'P 1' 
_em_3d_crystal_entity.space_group_num       1 
# 
_em_diffraction.id                1 
_em_diffraction.camera_length     1 
_em_diffraction.imaging_id        1 
_em_diffraction.tilt_angle_list   ? 
# 
_em_entity_assembly_naturalsource.cell                 ? 
_em_entity_assembly_naturalsource.cellular_location    ? 
_em_entity_assembly_naturalsource.entity_assembly_id   1 
_em_entity_assembly_naturalsource.id                   1 
_em_entity_assembly_naturalsource.ncbi_tax_id          9606 
_em_entity_assembly_naturalsource.organ                ? 
_em_entity_assembly_naturalsource.organelle            ? 
_em_entity_assembly_naturalsource.organism             'Homo sapiens' 
_em_entity_assembly_naturalsource.strain               ? 
_em_entity_assembly_naturalsource.tissue               ? 
# 
_em_image_processing.id                   1 
_em_image_processing.image_recording_id   1 
_em_image_processing.details              ? 
# 
_em_image_recording.id                            1 
_em_image_recording.imaging_id                    1 
_em_image_recording.avg_electron_dose_per_image   . 
_em_image_recording.average_exposure_time         . 
_em_image_recording.details                       ? 
_em_image_recording.detector_mode                 ? 
_em_image_recording.film_or_detector_model        'TVIPS TEMCAM-F416 (4k x 4k)' 
_em_image_recording.num_diffraction_images        . 
_em_image_recording.num_grids_imaged              1 
_em_image_recording.num_real_images               1 
# 
_em_specimen.id                      1 
_em_specimen.experiment_id           1 
_em_specimen.concentration           ? 
_em_specimen.details                 ? 
_em_specimen.embedding_applied       NO 
_em_specimen.shadowing_applied       NO 
_em_specimen.staining_applied        NO 
_em_specimen.vitrification_applied   NO 
# 
loop_
_pdbx_audit_support.funding_organization 
_pdbx_audit_support.country 
_pdbx_audit_support.grant_number 
_pdbx_audit_support.ordinal 
'National Institutes of Health/National Institute of General Medical Sciences (NIH/NIGMS)'        'United States' R35GM128867  1 
'National Institutes of Health/National Institute Of Allergy and Infectious Diseases (NIH/NIAID)' 'United States' 1F31AI143368 2 
# 
_atom_sites.entry_id                    7RVK 
_atom_sites.Cartn_transf_matrix[1][1]   ? 
_atom_sites.Cartn_transf_matrix[1][2]   ? 
_atom_sites.Cartn_transf_matrix[1][3]   ? 
_atom_sites.Cartn_transf_matrix[2][1]   ? 
_atom_sites.Cartn_transf_matrix[2][2]   ? 
_atom_sites.Cartn_transf_matrix[2][3]   ? 
_atom_sites.Cartn_transf_matrix[3][1]   ? 
_atom_sites.Cartn_transf_matrix[3][2]   ? 
_atom_sites.Cartn_transf_matrix[3][3]   ? 
_atom_sites.Cartn_transf_vector[1]      ? 
_atom_sites.Cartn_transf_vector[2]      ? 
_atom_sites.Cartn_transf_vector[3]      ? 
_atom_sites.fract_transf_matrix[1][1]   -0.05351542 
_atom_sites.fract_transf_matrix[1][2]   0.01786341 
_atom_sites.fract_transf_matrix[1][3]   0.20250878 
_atom_sites.fract_transf_matrix[2][1]   0.04189172 
_atom_sites.fract_transf_matrix[2][2]   -0.05057037 
_atom_sites.fract_transf_matrix[2][3]   0.03014377 
_atom_sites.fract_transf_matrix[3][1]   0.03838629 
_atom_sites.fract_transf_matrix[3][2]   0.03711561 
_atom_sites.fract_transf_matrix[3][3]   0.01059769 
_atom_sites.fract_transf_vector[1]      1.662055 
_atom_sites.fract_transf_vector[2]      0.708679 
_atom_sites.fract_transf_vector[3]      1.272488 
_atom_sites.solution_primary            ? 
_atom_sites.solution_secondary          ? 
_atom_sites.solution_hydrogens          ? 
_atom_sites.special_details             ? 
# 
loop_
_atom_type.symbol 
C  
H  
N  
O  
ZN 
# 
loop_
_atom_site.group_PDB 
_atom_site.id 
_atom_site.type_symbol 
_atom_site.label_atom_id 
_atom_site.label_alt_id 
_atom_site.label_comp_id 
_atom_site.label_asym_id 
_atom_site.label_entity_id 
_atom_site.label_seq_id 
_atom_site.pdbx_PDB_ins_code 
_atom_site.Cartn_x 
_atom_site.Cartn_y 
_atom_site.Cartn_z 
_atom_site.occupancy 
_atom_site.B_iso_or_equiv 
_atom_site.pdbx_formal_charge 
_atom_site.auth_seq_id 
_atom_site.auth_comp_id 
_atom_site.auth_asym_id 
_atom_site.auth_atom_id 
_atom_site.pdbx_PDB_model_num 
ATOM   1   N  N    . GLY A 1 1 ? 2.725  10.302  -1.504 1.00 6.43  ? 169 GLY A N    1 
ATOM   2   C  CA   . GLY A 1 1 ? 1.745  9.506   -2.243 1.00 5.13  ? 169 GLY A CA   1 
ATOM   3   C  C    . GLY A 1 1 ? 1.094  8.447   -1.363 1.00 6.05  ? 169 GLY A C    1 
ATOM   4   O  O    . GLY A 1 1 ? 1.612  8.174   -0.275 1.00 6.55  ? 169 GLY A O    1 
ATOM   5   H  HA2  . GLY A 1 1 ? 0.973  10.162  -2.642 1.00 6.37  ? 169 GLY A HA2  1 
ATOM   6   H  HA3  . GLY A 1 1 ? 2.234  9.004   -3.076 1.00 6.59  ? 169 GLY A HA3  1 
ATOM   7   N  N    . SER A 1 2 ? -0.043 7.830   -1.815 1.00 4.08  ? 170 SER A N    1 
ATOM   8   C  CA   . SER A 1 2 ? -0.748 6.768   -1.053 1.00 3.12  ? 170 SER A CA   1 
ATOM   9   C  C    . SER A 1 2 ? -0.088 5.406   -1.251 1.00 4.88  ? 170 SER A C    1 
ATOM   10  O  O    . SER A 1 2 ? 0.341  5.098   -2.362 1.00 3.34  ? 170 SER A O    1 
ATOM   11  C  CB   . SER A 1 2 ? -2.209 6.648   -1.488 1.00 7.47  ? 170 SER A CB   1 
ATOM   12  O  OG   . SER A 1 2 ? -2.924 7.867   -1.374 1.00 15.72 ? 170 SER A OG   1 
ATOM   13  H  H    . SER A 1 2 ? -0.488 8.061   -2.698 1.00 5.82  ? 170 SER A H    1 
ATOM   14  H  HA   . SER A 1 2 ? -0.725 7.029   0.003  1.00 3.81  ? 170 SER A HA   1 
ATOM   15  H  HB2  . SER A 1 2 ? -2.230 6.333   -2.530 1.00 6.79  ? 170 SER A HB2  1 
ATOM   16  H  HB3  . SER A 1 2 ? -2.694 5.900   -0.864 1.00 8.28  ? 170 SER A HB3  1 
ATOM   17  H  HG   . SER A 1 2 ? -3.528 7.983   -2.154 0.00 15.39 ? 170 SER A HG   1 
ATOM   18  N  N    . ASN A 1 3 ? -0.057 4.565   -0.198 1.00 3.10  ? 171 ASN A N    1 
ATOM   19  C  CA   . ASN A 1 3 ? 0.571  3.262   -0.268 1.00 3.00  ? 171 ASN A CA   1 
ATOM   20  C  C    . ASN A 1 3 ? -0.389 2.161   0.230  1.00 3.00  ? 171 ASN A C    1 
ATOM   21  O  O    . ASN A 1 3 ? -1.093 2.359   1.227  1.00 3.00  ? 171 ASN A O    1 
ATOM   22  C  CB   . ASN A 1 3 ? 1.829  3.276   0.602  1.00 4.16  ? 171 ASN A CB   1 
ATOM   23  C  CG   . ASN A 1 3 ? 2.821  4.375   0.238  1.00 11.82 ? 171 ASN A CG   1 
ATOM   24  O  OD1  . ASN A 1 3 ? 3.605  4.247   -0.714 1.00 10.56 ? 171 ASN A OD1  1 
ATOM   25  N  ND2  . ASN A 1 3 ? 2.804  5.491   0.968  1.00 8.33  ? 171 ASN A ND2  1 
ATOM   26  H  H    . ASN A 1 3 ? -0.447 4.775   0.716  1.00 3.62  ? 171 ASN A H    1 
ATOM   27  H  HA   . ASN A 1 3 ? 0.880  3.032   -1.284 1.00 3.62  ? 171 ASN A HA   1 
ATOM   28  H  HB2  . ASN A 1 3 ? 1.533  3.397   1.641  1.00 4.63  ? 171 ASN A HB2  1 
ATOM   29  H  HB3  . ASN A 1 3 ? 2.339  2.320   0.485  1.00 3.75  ? 171 ASN A HB3  1 
ATOM   30  H  HD21 . ASN A 1 3 ? 3.453  6.241   0.748  1.00 8.03  ? 171 ASN A HD21 1 
ATOM   31  H  HD22 . ASN A 1 3 ? 2.149  5.602   1.735  1.00 8.50  ? 171 ASN A HD22 1 
ATOM   32  N  N    . GLN A 1 4 ? -0.394 0.999   -0.446 1.00 3.00  ? 172 GLN A N    1 
ATOM   33  C  CA   . GLN A 1 4 ? -1.177 -0.169  -0.021 1.00 3.00  ? 172 GLN A CA   1 
ATOM   34  C  C    . GLN A 1 4 ? -0.281 -1.395  -0.095 1.00 3.00  ? 172 GLN A C    1 
ATOM   35  O  O    . GLN A 1 4 ? 0.332  -1.658  -1.139 1.00 3.00  ? 172 GLN A O    1 
ATOM   36  C  CB   . GLN A 1 4 ? -2.446 -0.405  -0.866 1.00 3.00  ? 172 GLN A CB   1 
ATOM   37  C  CG   . GLN A 1 4 ? -3.357 -1.544  -0.331 1.00 3.00  ? 172 GLN A CG   1 
ATOM   38  C  CD   . GLN A 1 4 ? -4.501 -1.847  -1.285 1.00 3.00  ? 172 GLN A CD   1 
ATOM   39  O  OE1  . GLN A 1 4 ? -4.277 -2.315  -2.416 1.00 3.00  ? 172 GLN A OE1  1 
ATOM   40  N  NE2  . GLN A 1 4 ? -5.738 -1.680  -0.862 1.00 3.00  ? 172 GLN A NE2  1 
ATOM   41  H  H    . GLN A 1 4 ? 0.118  0.853   -1.312 1.00 3.20  ? 172 GLN A H    1 
ATOM   42  H  HA   . GLN A 1 4 ? -1.503 -0.043  1.010  1.00 3.00  ? 172 GLN A HA   1 
ATOM   43  H  HB2  . GLN A 1 4 ? -3.035 0.512   -0.868 1.00 3.00  ? 172 GLN A HB2  1 
ATOM   44  H  HB3  . GLN A 1 4 ? -2.147 -0.662  -1.881 1.00 3.32  ? 172 GLN A HB3  1 
ATOM   45  H  HG2  . GLN A 1 4 ? -2.780 -2.461  -0.232 1.00 3.00  ? 172 GLN A HG2  1 
ATOM   46  H  HG3  . GLN A 1 4 ? -3.757 -1.257  0.640  1.00 3.18  ? 172 GLN A HG3  1 
ATOM   47  H  HE21 . GLN A 1 4 ? -6.515 -1.871  -1.487 1.00 3.34  ? 172 GLN A HE21 1 
ATOM   48  H  HE22 . GLN A 1 4 ? -5.921 -1.352  0.081  1.00 3.62  ? 172 GLN A HE22 1 
ATOM   49  N  N    . ASN A 1 5 ? -0.194 -2.142  1.014  1.00 3.00  ? 173 ASN A N    1 
ATOM   50  C  CA   . ASN A 1 5 ? 0.542  -3.394  1.055  1.00 3.00  ? 173 ASN A CA   1 
ATOM   51  C  C    . ASN A 1 5 ? -0.471 -4.524  1.244  1.00 3.26  ? 173 ASN A C    1 
ATOM   52  O  O    . ASN A 1 5 ? -1.192 -4.515  2.246  1.00 3.05  ? 173 ASN A O    1 
ATOM   53  C  CB   . ASN A 1 5 ? 1.566  -3.402  2.185  1.00 3.00  ? 173 ASN A CB   1 
ATOM   54  C  CG   . ASN A 1 5 ? 2.692  -2.412  1.943  1.00 4.81  ? 173 ASN A CG   1 
ATOM   55  O  OD1  . ASN A 1 5 ? 3.497  -2.564  1.006  1.00 7.26  ? 173 ASN A OD1  1 
ATOM   56  N  ND2  . ASN A 1 5 ? 2.699  -1.294  2.675  1.00 8.16  ? 173 ASN A ND2  1 
ATOM   57  H  H    . ASN A 1 5 ? -0.625 -1.912  1.904  1.00 3.97  ? 173 ASN A H    1 
ATOM   58  H  HA   . ASN A 1 5 ? 1.083  -3.571  0.127  1.00 3.90  ? 173 ASN A HA   1 
ATOM   59  H  HB2  . ASN A 1 5 ? 1.068  -3.158  3.122  1.00 3.30  ? 173 ASN A HB2  1 
ATOM   60  H  HB3  . ASN A 1 5 ? 2.002  -4.398  2.242  1.00 3.95  ? 173 ASN A HB3  1 
ATOM   61  H  HD21 . ASN A 1 5 ? 3.432  -0.608  2.532  1.00 7.79  ? 173 ASN A HD21 1 
ATOM   62  H  HD22 . ASN A 1 5 ? 1.980  -1.124  3.372  1.00 8.57  ? 173 ASN A HD22 1 
ATOM   63  N  N    . ASN A 1 6 ? -0.547 -5.473  0.282  1.00 3.00  ? 174 ASN A N    1 
ATOM   64  C  CA   . ASN A 1 6 ? -1.438 -6.638  0.371  1.00 3.00  ? 174 ASN A CA   1 
ATOM   65  C  C    . ASN A 1 6 ? -0.572 -7.863  0.565  1.00 4.18  ? 174 ASN A C    1 
ATOM   66  O  O    . ASN A 1 6 ? -0.114 -8.484  -0.397 1.00 3.55  ? 174 ASN A O    1 
ATOM   67  C  CB   . ASN A 1 6 ? -2.313 -6.775  -0.869 1.00 3.00  ? 174 ASN A CB   1 
ATOM   68  C  CG   . ASN A 1 6 ? -3.165 -5.556  -1.076 1.00 3.00  ? 174 ASN A CG   1 
ATOM   69  O  OD1  . ASN A 1 6 ? -3.923 -5.139  -0.188 1.00 3.00  ? 174 ASN A OD1  1 
ATOM   70  N  ND2  . ASN A 1 6 ? -2.987 -4.882  -2.201 1.00 3.24  ? 174 ASN A ND2  1 
ATOM   71  H  H    . ASN A 1 6 ? -0.011 -5.449  -0.580 1.00 5.12  ? 174 ASN A H    1 
ATOM   72  H  HA   . ASN A 1 6 ? -2.097 -6.560  1.232  1.00 4.51  ? 174 ASN A HA   1 
ATOM   73  H  HB2  . ASN A 1 6 ? -1.681 -6.920  -1.743 1.00 4.18  ? 174 ASN A HB2  1 
ATOM   74  H  HB3  . ASN A 1 6 ? -2.969 -7.636  -0.748 1.00 3.78  ? 174 ASN A HB3  1 
ATOM   75  H  HD21 . ASN A 1 6 ? -3.541 -4.055  -2.391 1.00 4.55  ? 174 ASN A HD21 1 
ATOM   76  H  HD22 . ASN A 1 6 ? -2.311 -5.191  -2.893 1.00 5.27  ? 174 ASN A HD22 1 
ATOM   77  N  N    . PHE A 1 7 ? -0.320 -8.190  1.829  1.00 3.00  ? 175 PHE A N    1 
ATOM   78  C  CA   . PHE A 1 7 ? 0.504  -9.336  2.158  1.00 3.00  ? 175 PHE A CA   1 
ATOM   79  C  C    . PHE A 1 7 ? -0.223 -10.667 1.898  1.00 5.14  ? 175 PHE A C    1 
ATOM   80  O  O    . PHE A 1 7 ? -1.475 -10.687 1.909  1.00 7.62  ? 175 PHE A O    1 
ATOM   81  C  CB   . PHE A 1 7 ? 0.972  -9.248  3.603  1.00 3.85  ? 175 PHE A CB   1 
ATOM   82  C  CG   . PHE A 1 7 ? 1.990  -8.150  3.844  1.00 3.64  ? 175 PHE A CG   1 
ATOM   83  C  CD1  . PHE A 1 7 ? 3.341  -8.377  3.638  1.00 6.08  ? 175 PHE A CD1  1 
ATOM   84  C  CD2  . PHE A 1 7 ? 1.599  -6.918  4.353  1.00 5.68  ? 175 PHE A CD2  1 
ATOM   85  C  CE1  . PHE A 1 7 ? 4.281  -7.374  3.875  1.00 6.28  ? 175 PHE A CE1  1 
ATOM   86  C  CE2  . PHE A 1 7 ? 2.545  -5.923  4.610  1.00 7.13  ? 175 PHE A CE2  1 
ATOM   87  C  CZ   . PHE A 1 7 ? 3.884  -6.166  4.387  1.00 5.33  ? 175 PHE A CZ   1 
ATOM   88  O  OXT  . PHE A 1 7 ? 0.482  -11.662 1.607  1.00 6.75  ? 175 PHE A OXT  1 
ATOM   89  H  H    . PHE A 1 7 ? -0.683 -7.680  2.627  1.00 4.70  ? 175 PHE A H    1 
ATOM   90  H  HA   . PHE A 1 7 ? 1.412  -9.308  1.559  1.00 4.02  ? 175 PHE A HA   1 
ATOM   91  H  HB2  . PHE A 1 7 ? 0.102  -9.072  4.229  1.00 4.43  ? 175 PHE A HB2  1 
ATOM   92  H  HB3  . PHE A 1 7 ? 1.425  -10.198 3.879  1.00 4.15  ? 175 PHE A HB3  1 
ATOM   93  H  HD1  . PHE A 1 7 ? 3.668  -9.338  3.245  1.00 5.57  ? 175 PHE A HD1  1 
ATOM   94  H  HD2  . PHE A 1 7 ? 0.544  -6.730  4.547  1.00 6.32  ? 175 PHE A HD2  1 
ATOM   95  H  HE1  . PHE A 1 7 ? 5.339  -7.569  3.702  1.00 6.87  ? 175 PHE A HE1  1 
ATOM   96  H  HE2  . PHE A 1 7 ? 2.225  -4.961  5.009  1.00 5.83  ? 175 PHE A HE2  1 
ATOM   97  H  HZ   . PHE A 1 7 ? 4.624  -5.390  4.574  1.00 6.46  ? 175 PHE A HZ   1 
HETATM 98  C  C    . ACT B 2 . ? 5.408  7.981   -1.093 1.00 6.91  ? 201 ACT A C    1 
HETATM 99  O  O    . ACT B 2 . ? 4.992  8.375   -2.212 1.00 6.93  ? 201 ACT A O    1 
HETATM 100 O  OXT  . ACT B 2 . ? 4.755  8.088   -0.038 1.00 8.32  ? 201 ACT A OXT  1 
HETATM 101 C  CH3  . ACT B 2 . ? 6.816  7.373   -0.987 1.00 10.51 ? 201 ACT A CH3  1 
HETATM 102 H  H1   . ACT B 2 . ? 6.771  6.417   -0.468 1.00 10.87 ? 201 ACT A H1   1 
HETATM 103 H  H2   . ACT B 2 . ? 7.488  8.017   -0.421 1.00 10.80 ? 201 ACT A H2   1 
HETATM 104 H  H3   . ACT B 2 . ? 7.282  7.191   -1.953 1.00 10.65 ? 201 ACT A H3   1 
HETATM 105 ZN ZN   . ZN  C 3 . ? 3.395  9.449   0.288  1.00 4.72  2 202 ZN  A ZN   1 
HETATM 106 O  O    . HOH D 4 . ? -2.764 10.125  -0.034 1.00 26.76 ? 301 HOH A O    1 
HETATM 107 O  O    . HOH D 4 . ? -5.675 -7.100  0.449  1.00 11.51 ? 302 HOH A O    1 
HETATM 108 O  O    . HOH D 4 . ? -3.894 -9.002  1.763  1.00 11.63 ? 303 HOH A O    1 
HETATM 109 O  O    . HOH D 4 . ? 4.354  1.343   2.220  1.00 14.33 ? 304 HOH A O    1 
HETATM 110 O  O    . HOH D 4 . ? -0.169 11.865  -0.996 1.00 9.29  ? 305 HOH A O    1 
HETATM 111 O  O    . HOH D 4 . ? 7.695  3.629   0.561  1.00 13.58 ? 306 HOH A O    1 
# 
